data_8FVS
#
_entry.id   8FVS
#
_cell.length_a   35.070
_cell.length_b   79.190
_cell.length_c   46.130
_cell.angle_alpha   90.00
_cell.angle_beta   93.85
_cell.angle_gamma   90.00
#
_symmetry.space_group_name_H-M   'P 1 21 1'
#
loop_
_entity.id
_entity.type
_entity.pdbx_description
1 polymer 'Histone acetyltransferase'
2 non-polymer 'tert-butyl [(1R,4s)-4-{(5M)-5-(3,5-dimethyl-1,2-oxazol-4-yl)-2-[(2S)-6-oxopiperidin-2-yl]-1H-benzimidazol-1-yl}cyclohexyl]carbamate'
3 non-polymer 1,2-ETHANEDIOL
4 non-polymer 'MAGNESIUM ION'
5 water water
#
_entity_poly.entity_id   1
_entity_poly.type   'polypeptide(L)'
_entity_poly.pdbx_seq_one_letter_code
;KKIFKPEELRQALMPTLEALYRQDPESLPFRQPVDPQLLGIPDYFDIVKNPMDLSTIKRKLDTGQYQEPWQYVDDVWLMF
NNAWLYNRKTSRVYKFCSKLAEVFEQEIDPVMQSLG
;
_entity_poly.pdbx_strand_id   A,B
#
loop_
_chem_comp.id
_chem_comp.type
_chem_comp.name
_chem_comp.formula
EDO non-polymer 1,2-ETHANEDIOL 'C2 H6 O2'
MG non-polymer 'MAGNESIUM ION' 'Mg 2'
YBE non-polymer 'tert-butyl [(1R,4s)-4-{(5M)-5-(3,5-dimethyl-1,2-oxazol-4-yl)-2-[(2S)-6-oxopiperidin-2-yl]-1H-benzimidazol-1-yl}cyclohexyl]carbamate' 'C28 H37 N5 O4'
#
# COMPACT_ATOMS: atom_id res chain seq x y z
N LYS A 1 -5.88 -35.80 7.38
CA LYS A 1 -6.67 -34.63 6.99
C LYS A 1 -6.11 -33.44 7.74
N LYS A 2 -5.10 -32.81 7.14
CA LYS A 2 -4.32 -31.77 7.82
C LYS A 2 -5.16 -30.53 8.11
N ILE A 3 -5.03 -30.00 9.33
CA ILE A 3 -5.61 -28.71 9.66
C ILE A 3 -4.53 -27.64 9.53
N PHE A 4 -4.88 -26.54 8.87
CA PHE A 4 -3.98 -25.41 8.69
C PHE A 4 -4.34 -24.35 9.71
N LYS A 5 -3.41 -24.07 10.61
CA LYS A 5 -3.60 -23.06 11.64
C LYS A 5 -3.42 -21.65 11.05
N PRO A 6 -4.08 -20.64 11.64
CA PRO A 6 -3.92 -19.27 11.11
C PRO A 6 -2.47 -18.81 11.03
N GLU A 7 -1.72 -18.97 12.11
CA GLU A 7 -0.34 -18.45 12.11
C GLU A 7 0.56 -19.28 11.22
N GLU A 8 0.28 -20.58 11.13
CA GLU A 8 0.99 -21.48 10.23
C GLU A 8 0.85 -21.03 8.78
N LEU A 9 -0.39 -20.80 8.34
CA LEU A 9 -0.63 -20.31 6.98
C LEU A 9 0.02 -18.95 6.78
N ARG A 10 -0.09 -18.08 7.78
CA ARG A 10 0.43 -16.73 7.62
C ARG A 10 1.93 -16.73 7.38
N GLN A 11 2.69 -17.50 8.18
CA GLN A 11 4.14 -17.55 7.99
C GLN A 11 4.52 -18.08 6.62
N ALA A 12 3.79 -19.07 6.13
CA ALA A 12 4.12 -19.66 4.83
C ALA A 12 3.76 -18.73 3.67
N LEU A 13 2.62 -18.04 3.76
CA LEU A 13 2.07 -17.32 2.63
C LEU A 13 2.43 -15.85 2.59
N MET A 14 2.66 -15.23 3.75
CA MET A 14 3.03 -13.81 3.76
C MET A 14 4.23 -13.48 2.87
N PRO A 15 5.31 -14.28 2.82
CA PRO A 15 6.41 -13.94 1.92
C PRO A 15 6.01 -13.79 0.47
N THR A 16 5.05 -14.62 0.00
CA THR A 16 4.61 -14.49 -1.38
C THR A 16 3.85 -13.19 -1.60
N LEU A 17 3.09 -12.72 -0.61
CA LEU A 17 2.42 -11.43 -0.75
C LEU A 17 3.43 -10.29 -0.68
N GLU A 18 4.40 -10.40 0.24
CA GLU A 18 5.46 -9.39 0.36
C GLU A 18 6.23 -9.23 -0.94
N ALA A 19 6.43 -10.32 -1.67
CA ALA A 19 7.14 -10.26 -2.93
C ALA A 19 6.38 -9.41 -3.96
N LEU A 20 5.05 -9.48 -3.94
CA LEU A 20 4.25 -8.65 -4.85
C LEU A 20 4.37 -7.18 -4.46
N TYR A 21 4.29 -6.88 -3.16
CA TYR A 21 4.41 -5.49 -2.71
C TYR A 21 5.72 -4.87 -3.13
N ARG A 22 6.79 -5.66 -3.17
CA ARG A 22 8.10 -5.08 -3.48
C ARG A 22 8.18 -4.57 -4.91
N GLN A 23 7.29 -5.01 -5.81
CA GLN A 23 7.32 -4.57 -7.19
C GLN A 23 6.86 -3.12 -7.30
N ASP A 24 7.76 -2.25 -7.71
CA ASP A 24 7.49 -0.83 -7.86
C ASP A 24 7.99 -0.46 -9.25
N PRO A 25 7.13 0.09 -10.13
CA PRO A 25 5.79 0.65 -9.89
C PRO A 25 4.63 -0.35 -9.97
N GLU A 26 4.87 -1.63 -10.26
CA GLU A 26 3.78 -2.49 -10.73
C GLU A 26 2.75 -2.80 -9.65
N SER A 27 3.15 -2.84 -8.36
CA SER A 27 2.14 -3.18 -7.36
C SER A 27 1.29 -1.97 -6.93
N LEU A 28 1.68 -0.75 -7.30
CA LEU A 28 1.01 0.43 -6.76
C LEU A 28 -0.50 0.45 -7.01
N PRO A 29 -1.01 0.15 -8.21
CA PRO A 29 -2.48 0.11 -8.37
C PRO A 29 -3.16 -0.97 -7.55
N PHE A 30 -2.42 -1.96 -7.05
CA PHE A 30 -2.96 -3.12 -6.36
C PHE A 30 -2.83 -3.02 -4.83
N ARG A 31 -2.23 -1.95 -4.32
CA ARG A 31 -2.00 -1.87 -2.89
C ARG A 31 -3.21 -1.40 -2.08
N GLN A 32 -4.26 -0.95 -2.75
CA GLN A 32 -5.49 -0.51 -2.09
C GLN A 32 -6.64 -0.83 -3.03
N PRO A 33 -7.88 -0.94 -2.53
CA PRO A 33 -8.98 -1.31 -3.42
C PRO A 33 -9.12 -0.31 -4.55
N VAL A 34 -9.54 -0.81 -5.71
CA VAL A 34 -9.88 0.09 -6.82
C VAL A 34 -10.97 1.04 -6.35
N ASP A 35 -10.78 2.34 -6.60
CA ASP A 35 -11.78 3.35 -6.30
C ASP A 35 -12.29 3.94 -7.62
N PRO A 36 -13.42 3.45 -8.15
CA PRO A 36 -13.89 3.93 -9.46
C PRO A 36 -14.23 5.40 -9.50
N GLN A 37 -14.66 5.97 -8.36
CA GLN A 37 -14.96 7.40 -8.33
C GLN A 37 -13.70 8.24 -8.47
N LEU A 38 -12.66 7.88 -7.71
CA LEU A 38 -11.37 8.55 -7.85
C LEU A 38 -10.81 8.46 -9.26
N LEU A 39 -10.89 7.27 -9.87
CA LEU A 39 -10.28 7.02 -11.17
C LEU A 39 -11.16 7.42 -12.33
N GLY A 40 -12.43 7.76 -12.09
CA GLY A 40 -13.33 8.11 -13.17
C GLY A 40 -13.69 6.97 -14.09
N ILE A 41 -13.95 5.79 -13.53
CA ILE A 41 -14.33 4.61 -14.31
C ILE A 41 -15.63 4.06 -13.73
N PRO A 42 -16.75 4.73 -13.95
CA PRO A 42 -17.99 4.35 -13.27
C PRO A 42 -18.50 2.96 -13.61
N ASP A 43 -18.06 2.34 -14.72
CA ASP A 43 -18.54 1.00 -15.01
C ASP A 43 -17.73 -0.11 -14.32
N TYR A 44 -16.74 0.24 -13.48
CA TYR A 44 -15.85 -0.79 -12.92
C TYR A 44 -16.64 -1.88 -12.20
N PHE A 45 -17.55 -1.49 -11.31
CA PHE A 45 -18.29 -2.47 -10.52
C PHE A 45 -19.42 -3.12 -11.30
N ASP A 46 -19.66 -2.71 -12.55
CA ASP A 46 -20.51 -3.51 -13.44
C ASP A 46 -19.79 -4.76 -13.93
N ILE A 47 -18.48 -4.69 -14.10
N ILE A 47 -18.47 -4.71 -14.03
CA ILE A 47 -17.69 -5.78 -14.63
CA ILE A 47 -17.69 -5.78 -14.65
C ILE A 47 -17.09 -6.63 -13.53
C ILE A 47 -16.99 -6.61 -13.58
N VAL A 48 -16.56 -5.96 -12.50
CA VAL A 48 -15.87 -6.62 -11.39
C VAL A 48 -16.86 -6.67 -10.23
N LYS A 49 -17.47 -7.85 -10.03
CA LYS A 49 -18.45 -8.06 -8.96
C LYS A 49 -17.82 -8.59 -7.68
N ASN A 50 -16.58 -9.06 -7.72
CA ASN A 50 -15.86 -9.53 -6.53
C ASN A 50 -14.50 -8.85 -6.49
N PRO A 51 -14.46 -7.57 -6.13
CA PRO A 51 -13.16 -6.86 -6.09
C PRO A 51 -12.21 -7.47 -5.06
N MET A 52 -10.91 -7.34 -5.34
CA MET A 52 -9.88 -7.87 -4.45
C MET A 52 -8.59 -7.10 -4.70
N ASP A 53 -7.81 -6.91 -3.64
CA ASP A 53 -6.54 -6.20 -3.76
C ASP A 53 -5.60 -6.70 -2.68
N LEU A 54 -4.33 -6.23 -2.75
CA LEU A 54 -3.30 -6.71 -1.82
C LEU A 54 -3.65 -6.39 -0.37
N SER A 55 -4.22 -5.22 -0.11
CA SER A 55 -4.45 -4.83 1.27
C SER A 55 -5.54 -5.68 1.90
N THR A 56 -6.54 -6.08 1.11
CA THR A 56 -7.58 -6.95 1.61
C THR A 56 -7.04 -8.34 1.88
N ILE A 57 -6.21 -8.85 0.95
CA ILE A 57 -5.59 -10.16 1.16
C ILE A 57 -4.72 -10.16 2.40
N LYS A 58 -3.92 -9.10 2.57
CA LYS A 58 -3.06 -8.99 3.75
C LYS A 58 -3.89 -9.00 5.03
N ARG A 59 -5.00 -8.25 5.03
CA ARG A 59 -5.90 -8.24 6.18
C ARG A 59 -6.46 -9.62 6.47
N LYS A 60 -6.87 -10.34 5.43
CA LYS A 60 -7.41 -11.67 5.66
C LYS A 60 -6.33 -12.62 6.18
N LEU A 61 -5.08 -12.45 5.76
CA LEU A 61 -4.01 -13.24 6.38
C LEU A 61 -3.81 -12.86 7.85
N ASP A 62 -3.82 -11.56 8.16
CA ASP A 62 -3.61 -11.11 9.53
C ASP A 62 -4.69 -11.61 10.47
N THR A 63 -5.92 -11.77 9.96
CA THR A 63 -7.07 -12.06 10.81
C THR A 63 -7.55 -13.51 10.67
N GLY A 64 -6.73 -14.38 10.07
CA GLY A 64 -7.03 -15.80 10.04
C GLY A 64 -8.21 -16.20 9.18
N GLN A 65 -8.51 -15.44 8.13
CA GLN A 65 -9.71 -15.71 7.34
C GLN A 65 -9.52 -16.82 6.32
N TYR A 66 -8.30 -17.31 6.12
CA TYR A 66 -8.08 -18.40 5.19
C TYR A 66 -7.94 -19.69 5.98
N GLN A 67 -8.72 -20.70 5.60
CA GLN A 67 -8.67 -22.02 6.25
C GLN A 67 -7.62 -22.94 5.64
N GLU A 68 -7.29 -22.74 4.37
CA GLU A 68 -6.36 -23.60 3.66
C GLU A 68 -5.63 -22.72 2.65
N PRO A 69 -4.44 -23.15 2.20
CA PRO A 69 -3.65 -22.29 1.28
C PRO A 69 -4.35 -21.94 -0.03
N TRP A 70 -5.15 -22.84 -0.59
CA TRP A 70 -5.75 -22.52 -1.89
C TRP A 70 -6.76 -21.40 -1.79
N GLN A 71 -7.32 -21.13 -0.60
CA GLN A 71 -8.23 -19.99 -0.50
C GLN A 71 -7.46 -18.69 -0.67
N TYR A 72 -6.22 -18.64 -0.16
CA TYR A 72 -5.36 -17.48 -0.40
C TYR A 72 -5.01 -17.36 -1.89
N VAL A 73 -4.55 -18.46 -2.48
CA VAL A 73 -4.23 -18.46 -3.91
C VAL A 73 -5.43 -17.99 -4.73
N ASP A 74 -6.63 -18.45 -4.37
CA ASP A 74 -7.82 -18.08 -5.12
C ASP A 74 -8.06 -16.58 -5.09
N ASP A 75 -7.76 -15.93 -3.95
CA ASP A 75 -7.95 -14.48 -3.86
C ASP A 75 -6.91 -13.72 -4.67
N VAL A 76 -5.66 -14.18 -4.66
CA VAL A 76 -4.63 -13.54 -5.47
C VAL A 76 -4.98 -13.66 -6.95
N TRP A 77 -5.42 -14.85 -7.36
CA TRP A 77 -5.79 -15.08 -8.75
C TRP A 77 -7.03 -14.27 -9.13
N LEU A 78 -7.98 -14.11 -8.21
CA LEU A 78 -9.14 -13.24 -8.45
C LEU A 78 -8.70 -11.80 -8.72
N MET A 79 -7.86 -11.25 -7.83
CA MET A 79 -7.19 -9.97 -8.05
C MET A 79 -6.71 -9.81 -9.49
N PHE A 80 -5.89 -10.79 -9.93
CA PHE A 80 -5.32 -10.68 -11.26
C PHE A 80 -6.39 -10.76 -12.33
N ASN A 81 -7.34 -11.69 -12.17
CA ASN A 81 -8.33 -11.85 -13.22
C ASN A 81 -9.22 -10.61 -13.33
N ASN A 82 -9.49 -9.93 -12.20
CA ASN A 82 -10.23 -8.68 -12.26
C ASN A 82 -9.52 -7.66 -13.13
N ALA A 83 -8.21 -7.48 -12.92
CA ALA A 83 -7.44 -6.49 -13.69
C ALA A 83 -7.33 -6.87 -15.15
N TRP A 84 -7.12 -8.16 -15.45
CA TRP A 84 -7.02 -8.59 -16.85
C TRP A 84 -8.36 -8.52 -17.55
N LEU A 85 -9.46 -8.71 -16.81
CA LEU A 85 -10.79 -8.59 -17.41
C LEU A 85 -11.14 -7.13 -17.71
N TYR A 86 -10.91 -6.24 -16.74
CA TYR A 86 -11.38 -4.87 -16.89
C TYR A 86 -10.49 -4.06 -17.83
N ASN A 87 -9.20 -4.31 -17.82
CA ASN A 87 -8.27 -3.52 -18.61
C ASN A 87 -7.85 -4.25 -19.88
N ARG A 88 -7.58 -3.48 -20.94
CA ARG A 88 -7.14 -4.02 -22.22
C ARG A 88 -5.70 -4.57 -22.13
N LYS A 89 -5.41 -5.55 -22.99
CA LYS A 89 -4.09 -6.17 -22.99
C LYS A 89 -2.96 -5.16 -23.18
N THR A 90 -3.17 -4.11 -23.99
CA THR A 90 -2.13 -3.12 -24.23
C THR A 90 -1.97 -2.09 -23.11
N SER A 91 -2.83 -2.09 -22.12
CA SER A 91 -2.81 -1.06 -21.09
C SER A 91 -1.69 -1.30 -20.08
N ARG A 92 -1.25 -0.20 -19.47
CA ARG A 92 -0.28 -0.26 -18.39
C ARG A 92 -0.71 -1.17 -17.25
N VAL A 93 -1.96 -1.00 -16.78
N VAL A 93 -1.96 -1.04 -16.77
CA VAL A 93 -2.43 -1.77 -15.63
CA VAL A 93 -2.32 -1.80 -15.58
C VAL A 93 -2.39 -3.26 -15.91
C VAL A 93 -2.43 -3.29 -15.89
N TYR A 94 -2.82 -3.65 -17.12
CA TYR A 94 -2.78 -5.05 -17.51
C TYR A 94 -1.35 -5.57 -17.48
N LYS A 95 -0.41 -4.80 -18.02
CA LYS A 95 0.98 -5.24 -18.01
C LYS A 95 1.52 -5.32 -16.58
N PHE A 96 1.13 -4.37 -15.73
CA PHE A 96 1.51 -4.44 -14.31
C PHE A 96 0.98 -5.72 -13.67
N CYS A 97 -0.27 -6.06 -13.97
CA CYS A 97 -0.87 -7.29 -13.45
C CYS A 97 -0.07 -8.51 -13.89
N SER A 98 0.29 -8.57 -15.18
CA SER A 98 1.08 -9.68 -15.68
C SER A 98 2.41 -9.81 -14.96
N LYS A 99 3.05 -8.67 -14.66
CA LYS A 99 4.30 -8.71 -13.91
C LYS A 99 4.08 -9.29 -12.51
N LEU A 100 3.02 -8.84 -11.82
CA LEU A 100 2.75 -9.42 -10.50
C LEU A 100 2.44 -10.91 -10.61
N ALA A 101 1.70 -11.30 -11.64
CA ALA A 101 1.37 -12.72 -11.82
C ALA A 101 2.64 -13.54 -12.05
N GLU A 102 3.63 -12.98 -12.78
CA GLU A 102 4.86 -13.76 -12.99
C GLU A 102 5.62 -13.94 -11.69
N VAL A 103 5.71 -12.88 -10.89
CA VAL A 103 6.35 -12.99 -9.58
C VAL A 103 5.58 -13.99 -8.71
N PHE A 104 4.25 -13.89 -8.70
CA PHE A 104 3.47 -14.74 -7.80
C PHE A 104 3.67 -16.21 -8.12
N GLU A 105 3.64 -16.56 -9.41
CA GLU A 105 3.83 -17.96 -9.78
C GLU A 105 5.17 -18.47 -9.27
N GLN A 106 6.24 -17.66 -9.40
CA GLN A 106 7.55 -18.10 -8.94
C GLN A 106 7.59 -18.27 -7.43
N GLU A 107 6.88 -17.42 -6.70
CA GLU A 107 6.94 -17.46 -5.25
C GLU A 107 6.04 -18.54 -4.67
N ILE A 108 4.87 -18.78 -5.28
CA ILE A 108 3.87 -19.66 -4.68
C ILE A 108 4.19 -21.13 -4.94
N ASP A 109 4.86 -21.42 -6.05
CA ASP A 109 5.11 -22.80 -6.48
C ASP A 109 5.80 -23.61 -5.38
N PRO A 110 6.97 -23.19 -4.86
CA PRO A 110 7.60 -24.00 -3.82
C PRO A 110 6.85 -23.99 -2.50
N VAL A 111 6.16 -22.89 -2.19
CA VAL A 111 5.44 -22.78 -0.93
C VAL A 111 4.29 -23.77 -0.90
N MET A 112 3.58 -23.89 -2.03
CA MET A 112 2.44 -24.80 -2.04
C MET A 112 2.93 -26.24 -1.95
N GLN A 113 4.10 -26.52 -2.54
CA GLN A 113 4.66 -27.86 -2.48
C GLN A 113 5.04 -28.23 -1.04
N SER A 114 5.62 -27.29 -0.30
CA SER A 114 6.00 -27.56 1.09
C SER A 114 4.79 -27.66 2.01
N LEU A 115 3.65 -27.07 1.63
CA LEU A 115 2.45 -27.12 2.47
C LEU A 115 1.61 -28.36 2.22
N GLY A 116 1.92 -29.14 1.18
CA GLY A 116 1.11 -30.29 0.82
C GLY A 116 1.93 -31.52 0.48
N LYS B 1 -1.26 21.30 -17.99
N LYS B 1 -1.17 21.21 -17.91
CA LYS B 1 -0.57 22.53 -18.38
CA LYS B 1 -0.56 22.46 -18.34
C LYS B 1 0.10 23.20 -17.19
C LYS B 1 0.10 23.20 -17.19
N LYS B 2 -0.60 23.21 -16.05
CA LYS B 2 -0.18 24.05 -14.92
C LYS B 2 1.16 23.62 -14.35
N ILE B 3 2.01 24.60 -14.09
CA ILE B 3 3.21 24.39 -13.28
C ILE B 3 2.92 24.85 -11.85
N PHE B 4 3.25 24.01 -10.88
CA PHE B 4 3.05 24.37 -9.48
C PHE B 4 4.29 25.10 -8.97
N LYS B 5 4.08 26.31 -8.47
CA LYS B 5 5.17 27.02 -7.81
C LYS B 5 5.54 26.30 -6.52
N PRO B 6 6.85 26.12 -6.25
CA PRO B 6 7.25 25.33 -5.06
C PRO B 6 6.65 25.82 -3.76
N GLU B 7 6.61 27.14 -3.54
CA GLU B 7 6.06 27.67 -2.31
C GLU B 7 4.54 27.56 -2.28
N GLU B 8 3.90 27.59 -3.46
CA GLU B 8 2.47 27.36 -3.51
C GLU B 8 2.13 25.93 -3.08
N LEU B 9 2.87 24.96 -3.60
CA LEU B 9 2.71 23.58 -3.14
C LEU B 9 3.00 23.46 -1.65
N ARG B 10 4.08 24.10 -1.20
CA ARG B 10 4.44 23.96 0.20
C ARG B 10 3.36 24.54 1.10
N GLN B 11 2.80 25.68 0.73
CA GLN B 11 1.82 26.30 1.59
C GLN B 11 0.50 25.53 1.62
N ALA B 12 0.15 24.96 0.48
CA ALA B 12 -1.08 24.19 0.40
C ALA B 12 -0.95 22.85 1.13
N LEU B 13 0.21 22.20 1.01
CA LEU B 13 0.36 20.83 1.48
C LEU B 13 0.91 20.74 2.90
N MET B 14 1.79 21.64 3.32
CA MET B 14 2.34 21.45 4.66
C MET B 14 1.30 21.41 5.78
N PRO B 15 0.18 22.15 5.74
CA PRO B 15 -0.80 22.00 6.83
C PRO B 15 -1.28 20.57 6.99
N THR B 16 -1.36 19.80 5.89
CA THR B 16 -1.80 18.41 6.01
C THR B 16 -0.72 17.56 6.68
N LEU B 17 0.56 17.86 6.42
CA LEU B 17 1.62 17.14 7.12
C LEU B 17 1.67 17.55 8.58
N GLU B 18 1.44 18.84 8.86
CA GLU B 18 1.49 19.34 10.23
C GLU B 18 0.38 18.73 11.08
N ALA B 19 -0.77 18.46 10.46
CA ALA B 19 -1.86 17.79 11.16
C ALA B 19 -1.45 16.38 11.62
N LEU B 20 -0.65 15.68 10.81
CA LEU B 20 -0.17 14.37 11.24
C LEU B 20 0.80 14.49 12.42
N TYR B 21 1.71 15.47 12.38
CA TYR B 21 2.65 15.65 13.48
C TYR B 21 1.94 15.94 14.80
N ARG B 22 0.79 16.60 14.76
CA ARG B 22 0.11 16.94 16.00
C ARG B 22 -0.45 15.73 16.72
N GLN B 23 -0.56 14.58 16.05
CA GLN B 23 -1.12 13.39 16.67
C GLN B 23 -0.07 12.79 17.60
N ASP B 24 -0.34 12.83 18.89
CA ASP B 24 0.55 12.25 19.89
C ASP B 24 -0.31 11.33 20.75
N PRO B 25 0.06 10.05 20.90
CA PRO B 25 1.31 9.37 20.49
C PRO B 25 1.40 8.86 19.06
N GLU B 26 0.36 8.99 18.23
CA GLU B 26 0.32 8.16 17.02
C GLU B 26 1.41 8.52 16.02
N SER B 27 1.83 9.79 15.96
CA SER B 27 2.84 10.15 14.97
C SER B 27 4.27 9.81 15.40
N LEU B 28 4.51 9.49 16.68
CA LEU B 28 5.89 9.38 17.14
C LEU B 28 6.72 8.33 16.39
N PRO B 29 6.21 7.13 16.11
CA PRO B 29 7.01 6.18 15.30
C PRO B 29 7.31 6.67 13.91
N PHE B 30 6.56 7.66 13.43
CA PHE B 30 6.65 8.12 12.04
C PHE B 30 7.44 9.41 11.88
N ARG B 31 7.93 10.00 12.98
CA ARG B 31 8.63 11.28 12.91
C ARG B 31 10.09 11.18 12.49
N GLN B 32 10.62 9.96 12.36
CA GLN B 32 12.00 9.74 11.93
C GLN B 32 12.03 8.41 11.22
N PRO B 33 13.04 8.16 10.38
CA PRO B 33 13.05 6.89 9.63
C PRO B 33 13.10 5.70 10.56
N VAL B 34 12.47 4.61 10.13
CA VAL B 34 12.57 3.35 10.87
C VAL B 34 14.03 2.94 10.92
N ASP B 35 14.53 2.67 12.13
CA ASP B 35 15.92 2.23 12.30
C ASP B 35 15.93 0.78 12.73
N PRO B 36 16.16 -0.17 11.81
CA PRO B 36 16.09 -1.60 12.19
C PRO B 36 17.16 -2.01 13.20
N GLN B 37 18.30 -1.33 13.27
CA GLN B 37 19.29 -1.69 14.27
C GLN B 37 18.81 -1.31 15.67
N LEU B 38 18.26 -0.10 15.82
N LEU B 38 18.24 -0.10 15.80
CA LEU B 38 17.75 0.31 17.12
CA LEU B 38 17.74 0.35 17.09
C LEU B 38 16.61 -0.59 17.55
C LEU B 38 16.59 -0.54 17.56
N LEU B 39 15.67 -0.87 16.65
CA LEU B 39 14.48 -1.64 16.99
C LEU B 39 14.72 -3.15 17.01
N GLY B 40 15.85 -3.62 16.50
CA GLY B 40 16.14 -5.05 16.48
C GLY B 40 15.26 -5.84 15.52
N ILE B 41 15.00 -5.31 14.33
CA ILE B 41 14.13 -5.97 13.36
C ILE B 41 14.89 -6.12 12.04
N PRO B 42 15.84 -7.06 11.96
CA PRO B 42 16.71 -7.13 10.77
C PRO B 42 15.98 -7.45 9.48
N ASP B 43 14.73 -7.93 9.52
CA ASP B 43 13.99 -8.20 8.31
C ASP B 43 13.24 -6.99 7.77
N TYR B 44 13.34 -5.82 8.42
CA TYR B 44 12.53 -4.69 7.98
C TYR B 44 12.83 -4.31 6.53
N PHE B 45 14.12 -4.18 6.18
CA PHE B 45 14.42 -3.79 4.81
C PHE B 45 14.35 -4.95 3.83
N ASP B 46 14.20 -6.20 4.30
CA ASP B 46 13.77 -7.28 3.40
C ASP B 46 12.38 -7.03 2.85
N ILE B 47 11.52 -6.40 3.64
CA ILE B 47 10.10 -6.26 3.33
C ILE B 47 9.78 -4.87 2.79
N VAL B 48 10.40 -3.84 3.37
CA VAL B 48 10.17 -2.45 3.00
C VAL B 48 11.37 -2.00 2.19
N LYS B 49 11.20 -1.97 0.86
CA LYS B 49 12.27 -1.56 -0.04
C LYS B 49 12.29 -0.07 -0.32
N ASN B 50 11.22 0.65 0.02
N ASN B 50 11.21 0.65 -0.03
CA ASN B 50 11.11 2.08 -0.25
CA ASN B 50 11.14 2.10 -0.25
C ASN B 50 10.66 2.77 1.04
C ASN B 50 10.67 2.75 1.04
N PRO B 51 11.56 2.86 2.03
CA PRO B 51 11.16 3.47 3.32
C PRO B 51 10.74 4.92 3.14
N MET B 52 9.82 5.37 4.00
CA MET B 52 9.39 6.76 3.96
C MET B 52 8.92 7.12 5.36
N ASP B 53 9.08 8.39 5.75
CA ASP B 53 8.63 8.83 7.06
C ASP B 53 8.33 10.32 7.00
N LEU B 54 7.78 10.86 8.10
CA LEU B 54 7.33 12.25 8.09
C LEU B 54 8.50 13.21 7.89
N SER B 55 9.66 12.93 8.50
CA SER B 55 10.78 13.86 8.39
C SER B 55 11.32 13.91 6.96
N THR B 56 11.32 12.77 6.26
CA THR B 56 11.76 12.79 4.87
C THR B 56 10.77 13.55 3.99
N ILE B 57 9.48 13.33 4.20
CA ILE B 57 8.47 14.08 3.44
C ILE B 57 8.59 15.58 3.70
N LYS B 58 8.78 15.96 4.98
CA LYS B 58 8.91 17.37 5.31
C LYS B 58 10.14 17.97 4.63
N ARG B 59 11.23 17.22 4.56
CA ARG B 59 12.43 17.75 3.93
C ARG B 59 12.23 17.89 2.43
N LYS B 60 11.51 16.95 1.81
CA LYS B 60 11.22 17.08 0.39
C LYS B 60 10.35 18.29 0.10
N LEU B 61 9.42 18.62 1.02
CA LEU B 61 8.63 19.84 0.84
C LEU B 61 9.49 21.09 0.99
N ASP B 62 10.37 21.11 1.99
CA ASP B 62 11.26 22.26 2.22
C ASP B 62 12.17 22.52 1.04
N THR B 63 12.58 21.47 0.34
CA THR B 63 13.63 21.59 -0.66
C THR B 63 13.08 21.48 -2.07
N GLY B 64 11.77 21.60 -2.25
CA GLY B 64 11.18 21.64 -3.58
C GLY B 64 11.28 20.37 -4.38
N GLN B 65 11.32 19.20 -3.72
CA GLN B 65 11.48 17.96 -4.47
C GLN B 65 10.18 17.46 -5.09
N TYR B 66 9.03 18.05 -4.76
CA TYR B 66 7.76 17.62 -5.32
C TYR B 66 7.38 18.59 -6.44
N GLN B 67 7.12 18.04 -7.62
CA GLN B 67 6.73 18.82 -8.80
C GLN B 67 5.23 19.09 -8.83
N GLU B 68 4.44 18.17 -8.29
N GLU B 68 4.44 18.16 -8.29
CA GLU B 68 3.00 18.30 -8.31
CA GLU B 68 2.99 18.20 -8.35
C GLU B 68 2.44 17.57 -7.10
C GLU B 68 2.45 17.56 -7.08
N PRO B 69 1.26 17.96 -6.61
CA PRO B 69 0.82 17.47 -5.29
C PRO B 69 0.65 15.97 -5.19
N TRP B 70 0.32 15.25 -6.28
CA TRP B 70 0.16 13.82 -6.12
C TRP B 70 1.47 13.10 -5.77
N GLN B 71 2.62 13.70 -6.08
CA GLN B 71 3.87 13.07 -5.65
C GLN B 71 3.98 13.10 -4.13
N TYR B 72 3.49 14.18 -3.52
CA TYR B 72 3.46 14.26 -2.06
C TYR B 72 2.48 13.24 -1.48
N VAL B 73 1.27 13.18 -2.07
CA VAL B 73 0.29 12.22 -1.58
C VAL B 73 0.81 10.80 -1.71
N ASP B 74 1.51 10.50 -2.80
CA ASP B 74 2.07 9.16 -2.99
C ASP B 74 3.08 8.79 -1.90
N ASP B 75 3.89 9.76 -1.45
CA ASP B 75 4.84 9.47 -0.39
C ASP B 75 4.14 9.23 0.94
N VAL B 76 3.12 10.05 1.27
CA VAL B 76 2.39 9.82 2.52
C VAL B 76 1.73 8.45 2.49
N TRP B 77 1.14 8.09 1.35
CA TRP B 77 0.49 6.80 1.24
C TRP B 77 1.50 5.66 1.29
N LEU B 78 2.70 5.88 0.75
CA LEU B 78 3.78 4.88 0.84
C LEU B 78 4.17 4.66 2.29
N MET B 79 4.40 5.74 3.03
CA MET B 79 4.62 5.65 4.47
C MET B 79 3.59 4.76 5.17
N PHE B 80 2.31 5.02 4.92
CA PHE B 80 1.26 4.22 5.58
C PHE B 80 1.31 2.76 5.11
N ASN B 81 1.47 2.54 3.81
CA ASN B 81 1.42 1.16 3.34
C ASN B 81 2.62 0.36 3.84
N ASN B 82 3.77 1.02 4.02
CA ASN B 82 4.91 0.31 4.62
C ASN B 82 4.58 -0.19 6.01
N ALA B 83 3.92 0.64 6.83
CA ALA B 83 3.65 0.28 8.21
C ALA B 83 2.54 -0.77 8.29
N TRP B 84 1.52 -0.66 7.43
CA TRP B 84 0.45 -1.65 7.38
C TRP B 84 0.95 -2.99 6.86
N LEU B 85 1.94 -2.98 5.94
CA LEU B 85 2.51 -4.23 5.44
C LEU B 85 3.39 -4.90 6.49
N TYR B 86 4.25 -4.11 7.15
CA TYR B 86 5.24 -4.72 8.03
C TYR B 86 4.63 -5.16 9.35
N ASN B 87 3.64 -4.43 9.85
CA ASN B 87 3.09 -4.68 11.18
C ASN B 87 1.73 -5.34 11.07
N ARG B 88 1.41 -6.17 12.07
CA ARG B 88 0.14 -6.87 12.08
C ARG B 88 -1.02 -5.94 12.44
N LYS B 89 -2.21 -6.28 11.93
CA LYS B 89 -3.40 -5.48 12.21
C LYS B 89 -3.63 -5.23 13.69
N THR B 90 -3.28 -6.18 14.56
CA THR B 90 -3.53 -6.01 15.99
C THR B 90 -2.49 -5.15 16.69
N SER B 91 -1.41 -4.80 16.00
CA SER B 91 -0.29 -4.15 16.67
C SER B 91 -0.54 -2.67 16.89
N ARG B 92 0.16 -2.14 17.90
CA ARG B 92 0.09 -0.72 18.21
C ARG B 92 0.43 0.17 17.02
N VAL B 93 1.54 -0.14 16.33
N VAL B 93 1.54 -0.12 16.32
CA VAL B 93 2.01 0.75 15.26
CA VAL B 93 1.96 0.81 15.29
C VAL B 93 1.01 0.75 14.11
C VAL B 93 1.04 0.74 14.07
N TYR B 94 0.41 -0.41 13.83
CA TYR B 94 -0.60 -0.48 12.78
C TYR B 94 -1.79 0.41 13.11
N LYS B 95 -2.30 0.33 14.34
CA LYS B 95 -3.40 1.20 14.75
C LYS B 95 -3.00 2.67 14.72
N PHE B 96 -1.76 2.98 15.12
CA PHE B 96 -1.27 4.35 14.98
C PHE B 96 -1.31 4.81 13.52
N CYS B 97 -0.83 3.95 12.62
CA CYS B 97 -0.86 4.27 11.20
C CYS B 97 -2.28 4.54 10.71
N SER B 98 -3.24 3.70 11.12
CA SER B 98 -4.63 3.92 10.73
C SER B 98 -5.17 5.26 11.22
N LYS B 99 -4.80 5.68 12.42
CA LYS B 99 -5.24 6.99 12.90
C LYS B 99 -4.65 8.11 12.05
N LEU B 100 -3.36 8.04 11.74
CA LEU B 100 -2.76 9.02 10.85
C LEU B 100 -3.43 9.04 9.48
N ALA B 101 -3.76 7.85 8.95
CA ALA B 101 -4.43 7.80 7.65
C ALA B 101 -5.81 8.45 7.72
N GLU B 102 -6.51 8.27 8.85
CA GLU B 102 -7.80 8.89 9.03
C GLU B 102 -7.68 10.41 9.02
N VAL B 103 -6.74 10.95 9.79
CA VAL B 103 -6.50 12.39 9.79
C VAL B 103 -6.11 12.87 8.41
N PHE B 104 -5.17 12.17 7.76
CA PHE B 104 -4.69 12.60 6.45
C PHE B 104 -5.84 12.65 5.45
N GLU B 105 -6.71 11.62 5.44
CA GLU B 105 -7.80 11.60 4.48
C GLU B 105 -8.70 12.82 4.67
N GLN B 106 -8.96 13.20 5.93
CA GLN B 106 -9.83 14.36 6.19
C GLN B 106 -9.16 15.66 5.72
N GLU B 107 -7.84 15.77 5.89
CA GLU B 107 -7.17 17.02 5.56
C GLU B 107 -6.90 17.16 4.06
N ILE B 108 -6.58 16.06 3.39
CA ILE B 108 -6.01 16.17 2.04
C ILE B 108 -7.09 16.39 0.98
N ASP B 109 -8.31 15.89 1.22
N ASP B 109 -8.31 15.91 1.23
CA ASP B 109 -9.34 15.96 0.19
CA ASP B 109 -9.32 15.95 0.17
C ASP B 109 -9.68 17.38 -0.22
C ASP B 109 -9.70 17.37 -0.23
N PRO B 110 -10.04 18.30 0.68
CA PRO B 110 -10.32 19.68 0.23
C PRO B 110 -9.10 20.38 -0.34
N VAL B 111 -7.90 20.05 0.14
CA VAL B 111 -6.69 20.67 -0.40
C VAL B 111 -6.49 20.27 -1.85
N MET B 112 -6.64 18.98 -2.16
CA MET B 112 -6.37 18.59 -3.55
C MET B 112 -7.44 19.13 -4.49
N GLN B 113 -8.68 19.23 -4.02
CA GLN B 113 -9.72 19.86 -4.81
C GLN B 113 -9.36 21.30 -5.17
N SER B 114 -8.74 22.03 -4.24
CA SER B 114 -8.41 23.42 -4.52
C SER B 114 -7.15 23.57 -5.37
N LEU B 115 -6.32 22.54 -5.47
CA LEU B 115 -5.08 22.62 -6.25
C LEU B 115 -5.26 22.29 -7.71
N GLY B 116 -6.21 21.43 -8.06
CA GLY B 116 -6.39 20.99 -9.42
C GLY B 116 -7.54 21.68 -10.13
C13 YBE C . -4.24 7.01 -12.24
C17 YBE C . -3.60 4.74 -8.46
C20 YBE C . -3.44 5.73 -5.84
C22 YBE C . -4.60 6.29 -3.51
C24 YBE C . -5.07 7.78 -1.58
C26 YBE C . -6.10 8.64 -2.31
C01 YBE C . -8.18 0.89 -13.52
C02 YBE C . -7.70 -0.32 -12.71
C03 YBE C . -6.78 -0.34 -11.68
C04 YBE C . -6.01 0.84 -11.11
C05 YBE C . -5.27 1.65 -11.95
C06 YBE C . -4.57 2.74 -11.36
C08 YBE C . -3.35 4.50 -10.94
C09 YBE C . -2.48 5.71 -11.13
C11 YBE C . -2.17 6.33 -13.64
C12 YBE C . -3.50 7.18 -13.47
C14 YBE C . -3.36 6.89 -11.09
C18 YBE C . -4.91 5.36 -7.94
C19 YBE C . -4.77 6.00 -6.55
C25 YBE C . -4.22 8.67 -0.67
C27 YBE C . -5.71 6.69 -0.73
C29 YBE C . -2.71 4.41 -6.11
C30 YBE C . -3.02 3.72 -7.46
C31 YBE C . -4.62 2.99 -10.01
C32 YBE C . -5.38 2.15 -9.15
C33 YBE C . -6.06 1.09 -9.73
C34 YBE C . -6.70 -1.67 -11.25
C35 YBE C . -5.81 -2.25 -10.12
N07 YBE C . -3.78 3.70 -11.93
N10 YBE C . -1.65 5.57 -12.44
N16 YBE C . -3.86 4.09 -9.77
N21 YBE C . -3.51 5.83 -4.39
N36 YBE C . -7.56 -2.40 -11.98
O15 YBE C . -1.61 6.30 -14.68
O23 YBE C . -4.17 7.22 -2.53
O28 YBE C . -5.71 5.88 -3.57
O37 YBE C . -8.15 -1.54 -12.87
C1 EDO D . -4.30 -1.36 4.28
O1 EDO D . -3.20 -2.27 4.11
C2 EDO D . -4.96 -1.60 5.63
O2 EDO D . -5.87 -0.53 5.91
C1 EDO E . -15.89 -10.76 -12.04
O1 EDO E . -17.08 -9.94 -11.97
C2 EDO E . -15.44 -11.11 -10.63
O2 EDO E . -14.94 -9.96 -9.95
C1 EDO F . -9.32 -12.61 -17.06
O1 EDO F . -9.44 -14.02 -17.25
C2 EDO F . -9.42 -11.94 -18.43
O2 EDO F . -8.32 -12.40 -19.22
C13 YBE G . 9.90 0.64 20.90
C17 YBE G . 10.23 4.58 18.54
C20 YBE G . 12.08 6.73 18.90
C22 YBE G . 14.34 7.90 18.20
C24 YBE G . 16.51 8.94 18.78
C26 YBE G . 16.78 9.46 17.37
C01 YBE G . 8.47 -1.32 13.71
C02 YBE G . 7.87 -0.21 12.84
C03 YBE G . 7.76 1.13 13.15
C04 YBE G . 8.23 1.81 14.44
C05 YBE G . 7.79 1.36 15.67
C06 YBE G . 8.23 2.01 16.84
C08 YBE G . 8.65 2.67 18.90
C09 YBE G . 8.68 2.78 20.42
C11 YBE G . 7.35 0.80 21.41
C12 YBE G . 8.60 -0.03 20.92
C14 YBE G . 9.89 2.10 20.92
C18 YBE G . 11.69 4.23 18.25
C19 YBE G . 12.68 5.38 18.51
C25 YBE G . 17.21 7.61 19.00
C27 YBE G . 17.05 9.97 19.80
C29 YBE G . 10.66 7.06 18.43
C30 YBE G . 9.85 5.90 17.84
C31 YBE G . 9.11 3.06 16.79
C32 YBE G . 9.57 3.52 15.53
C33 YBE G . 9.11 2.89 14.37
C34 YBE G . 7.18 1.77 12.05
C35 YBE G . 6.83 3.27 11.91
N07 YBE G . 7.97 1.78 18.17
N10 YBE G . 7.37 2.30 21.12
N16 YBE G . 9.35 3.46 18.08
N21 YBE G . 12.89 7.86 18.45
N36 YBE G . 6.92 0.82 11.11
O15 YBE G . 6.43 0.26 21.93
O23 YBE G . 15.10 8.80 19.02
O28 YBE G . 14.81 7.23 17.33
O37 YBE G . 7.38 -0.37 11.61
MG MG H . -11.98 6.00 7.65
C1 EDO I . -1.49 8.51 -8.25
O1 EDO I . -0.93 7.68 -7.22
C2 EDO I . -0.42 8.96 -9.24
O2 EDO I . 0.53 9.84 -8.61
#